data_2BBH
#
_entry.id   2BBH
#
_cell.length_a   77.995
_cell.length_b   77.995
_cell.length_c   101.609
_cell.angle_alpha   90.00
_cell.angle_beta   90.00
_cell.angle_gamma   90.00
#
_symmetry.space_group_name_H-M   'P 41 21 2'
#
loop_
_entity.id
_entity.type
_entity.pdbx_description
1 polymer 'divalent cation transport-related protein'
2 non-polymer DECYL-BETA-D-MALTOPYRANOSIDE
3 non-polymer 'SODIUM ION'
4 non-polymer 'MAGNESIUM ION'
5 water water
#
_entity_poly.entity_id   1
_entity_poly.type   'polypeptide(L)'
_entity_poly.pdbx_seq_one_letter_code
;GSH(MSE)EEKRLSAKKGLPPGTLVYTGKYREDFEIEV(MSE)NYSIEEFREFKTTDVESVLPFRDSSTPTWINITGIHR
TDVVQRVGEFFGTHPLVLEDILNVHQRPKVEFFENYVFIVLK(MSE)FTYDKNLHELESEQVSLILTKNCVL(MSE)FQE
KIGDVFDPVRERIRYNRGIIRKKRADYLLYSLIDALVDDYFVLLEKIDDEIDVLEEEVLERPEKETVQRTHQLKRNLVEL
RKTIWPLREVLSSLYRDVPPLIEKETVPYFRDVYDHTIQIADTVE
;
_entity_poly.pdbx_strand_id   A
#
# COMPACT_ATOMS: atom_id res chain seq x y z
N PRO A 16 -9.70 9.32 27.51
CA PRO A 16 -10.86 9.64 26.66
C PRO A 16 -11.14 8.53 25.63
N PRO A 17 -12.42 8.14 25.49
CA PRO A 17 -12.78 7.08 24.55
C PRO A 17 -12.41 7.42 23.09
N GLY A 18 -12.53 8.70 22.71
CA GLY A 18 -12.24 9.14 21.31
C GLY A 18 -10.77 9.14 20.91
N THR A 19 -9.91 8.78 21.85
CA THR A 19 -8.47 8.72 21.65
C THR A 19 -8.16 7.81 20.47
N LEU A 20 -7.32 8.32 19.57
CA LEU A 20 -6.83 7.53 18.45
C LEU A 20 -5.76 6.60 19.00
N VAL A 21 -5.91 5.34 18.64
CA VAL A 21 -5.01 4.27 19.05
C VAL A 21 -4.50 3.48 17.86
N TYR A 22 -3.17 3.34 17.75
CA TYR A 22 -2.56 2.47 16.79
C TYR A 22 -2.71 1.05 17.34
N THR A 23 -3.33 0.12 16.57
CA THR A 23 -3.65 -1.22 17.11
C THR A 23 -2.61 -2.27 16.74
N GLY A 24 -1.56 -1.86 16.02
CA GLY A 24 -0.60 -2.80 15.50
C GLY A 24 0.62 -2.99 16.41
N LYS A 25 1.64 -3.65 15.89
CA LYS A 25 2.83 -4.04 16.71
C LYS A 25 4.12 -3.37 16.34
N TYR A 26 4.12 -2.56 15.27
CA TYR A 26 5.35 -1.87 14.82
C TYR A 26 5.52 -0.45 15.33
N ARG A 27 6.64 -0.20 16.02
CA ARG A 27 6.85 1.10 16.66
C ARG A 27 8.26 1.63 16.57
N GLU A 28 9.06 1.05 15.69
CA GLU A 28 10.47 1.41 15.58
C GLU A 28 10.78 2.51 14.57
N ASP A 29 9.93 2.68 13.55
CA ASP A 29 10.24 3.60 12.43
C ASP A 29 9.35 4.83 12.39
N PHE A 30 9.94 5.94 11.95
CA PHE A 30 9.17 7.11 11.64
C PHE A 30 9.86 7.97 10.60
N GLU A 31 9.13 8.28 9.54
CA GLU A 31 9.69 9.03 8.44
C GLU A 31 8.59 9.37 7.45
N ILE A 32 8.70 10.55 6.81
CA ILE A 32 7.77 10.97 5.74
C ILE A 32 8.63 11.24 4.48
N GLU A 33 8.17 10.73 3.33
CA GLU A 33 8.87 10.92 2.07
C GLU A 33 7.88 11.50 1.10
N VAL A 34 8.25 12.65 0.53
CA VAL A 34 7.40 13.39 -0.39
C VAL A 34 8.01 13.33 -1.82
N ASN A 36 6.92 15.06 -5.47
CA ASN A 36 5.97 15.95 -6.12
C ASN A 36 6.49 16.09 -7.56
N TYR A 37 5.62 16.04 -8.57
CA TYR A 37 6.10 16.00 -9.98
C TYR A 37 5.07 16.49 -10.95
N SER A 38 5.53 16.77 -12.18
CA SER A 38 4.65 17.14 -13.27
C SER A 38 5.46 16.70 -14.49
N ILE A 39 4.92 16.97 -15.68
CA ILE A 39 5.53 16.45 -16.89
C ILE A 39 6.96 16.94 -17.04
N GLU A 40 7.27 18.10 -16.44
CA GLU A 40 8.57 18.74 -16.62
C GLU A 40 9.49 18.69 -15.45
N GLU A 41 8.98 18.32 -14.30
CA GLU A 41 9.80 18.32 -13.11
C GLU A 41 9.42 17.31 -12.03
N PHE A 42 10.34 17.17 -11.09
CA PHE A 42 10.22 16.24 -9.99
C PHE A 42 11.08 16.70 -8.80
N ARG A 43 10.49 16.72 -7.60
N ARG A 43 10.47 16.71 -7.62
CA ARG A 43 11.23 17.01 -6.36
CA ARG A 43 11.10 17.02 -6.35
C ARG A 43 10.83 16.02 -5.27
C ARG A 43 10.85 15.83 -5.42
N GLU A 44 11.84 15.48 -4.59
CA GLU A 44 11.64 14.45 -3.53
C GLU A 44 12.49 14.78 -2.28
N PHE A 45 11.93 14.51 -1.09
CA PHE A 45 12.69 14.73 0.14
C PHE A 45 12.12 13.82 1.22
N LYS A 46 12.93 13.60 2.26
CA LYS A 46 12.52 12.83 3.45
C LYS A 46 12.58 13.79 4.63
N THR A 47 11.68 13.61 5.59
CA THR A 47 11.59 14.52 6.72
C THR A 47 10.93 13.84 7.88
N THR A 48 11.23 14.30 9.09
CA THR A 48 10.52 13.85 10.25
C THR A 48 9.68 15.03 10.71
N ASP A 49 9.72 16.14 9.98
CA ASP A 49 8.85 17.28 10.34
C ASP A 49 7.57 17.33 9.49
N VAL A 50 6.44 16.95 10.10
CA VAL A 50 5.14 16.90 9.37
C VAL A 50 4.72 18.26 8.82
N GLU A 51 5.06 19.34 9.54
CA GLU A 51 4.71 20.70 9.06
C GLU A 51 5.24 21.02 7.67
N SER A 52 6.32 20.37 7.29
CA SER A 52 6.92 20.59 5.98
C SER A 52 6.20 19.89 4.83
N VAL A 53 5.30 18.96 5.13
CA VAL A 53 4.61 18.23 4.05
C VAL A 53 3.20 18.76 3.84
N LEU A 54 2.65 19.38 4.87
CA LEU A 54 1.32 19.95 4.86
C LEU A 54 1.08 20.95 3.72
N PRO A 55 2.10 21.78 3.34
CA PRO A 55 1.91 22.74 2.25
C PRO A 55 1.49 22.11 0.91
N PHE A 56 1.83 20.84 0.71
CA PHE A 56 1.52 20.13 -0.53
C PHE A 56 0.03 19.82 -0.69
N ARG A 57 -0.72 19.95 0.40
CA ARG A 57 -2.18 19.76 0.36
C ARG A 57 -2.83 20.46 -0.84
N ASP A 58 -2.41 21.72 -1.08
CA ASP A 58 -3.04 22.51 -2.12
C ASP A 58 -2.22 22.54 -3.40
N SER A 59 -1.26 21.63 -3.54
CA SER A 59 -0.45 21.53 -4.76
C SER A 59 -1.32 21.33 -5.99
N SER A 60 -1.05 22.09 -7.06
CA SER A 60 -1.76 21.87 -8.32
C SER A 60 -1.23 20.63 -9.09
N THR A 61 -0.05 20.13 -8.72
CA THR A 61 0.56 18.97 -9.39
C THR A 61 0.62 17.78 -8.41
N PRO A 62 0.64 16.53 -8.94
CA PRO A 62 0.62 15.31 -8.08
C PRO A 62 1.70 15.26 -7.04
N THR A 63 1.28 14.85 -5.84
CA THR A 63 2.21 14.69 -4.76
C THR A 63 1.89 13.37 -4.03
N TRP A 64 2.92 12.54 -3.89
CA TRP A 64 2.84 11.29 -3.11
C TRP A 64 3.45 11.63 -1.74
N ILE A 65 2.65 11.55 -0.65
CA ILE A 65 3.16 11.82 0.72
C ILE A 65 3.11 10.43 1.42
N ASN A 66 4.27 9.82 1.63
CA ASN A 66 4.38 8.52 2.25
C ASN A 66 4.80 8.67 3.71
N ILE A 67 3.87 8.39 4.62
CA ILE A 67 4.05 8.46 6.07
C ILE A 67 4.32 7.05 6.61
N THR A 68 5.56 6.82 7.08
CA THR A 68 5.93 5.50 7.57
C THR A 68 6.01 5.60 9.11
N GLY A 69 5.24 4.73 9.80
CA GLY A 69 5.22 4.70 11.29
C GLY A 69 3.95 5.27 11.87
N ILE A 70 2.81 4.62 11.58
CA ILE A 70 1.54 5.15 12.07
C ILE A 70 1.34 5.02 13.59
N HIS A 71 2.25 4.32 14.25
CA HIS A 71 2.28 4.34 15.73
C HIS A 71 2.34 5.80 16.23
N ARG A 72 2.85 6.69 15.39
CA ARG A 72 2.85 8.13 15.70
C ARG A 72 1.46 8.68 15.39
N THR A 73 0.53 8.39 16.30
CA THR A 73 -0.84 8.81 16.17
C THR A 73 -0.96 10.33 16.15
N ASP A 74 -0.03 11.05 16.79
CA ASP A 74 -0.01 12.52 16.76
C ASP A 74 0.20 13.07 15.34
N VAL A 75 1.13 12.45 14.62
CA VAL A 75 1.41 12.82 13.22
C VAL A 75 0.20 12.50 12.31
N VAL A 76 -0.35 11.29 12.48
CA VAL A 76 -1.53 10.89 11.72
C VAL A 76 -2.68 11.85 11.99
N GLN A 77 -2.85 12.28 13.24
CA GLN A 77 -3.97 13.18 13.57
C GLN A 77 -3.77 14.57 12.95
N ARG A 78 -2.51 15.03 12.94
CA ARG A 78 -2.18 16.35 12.39
C ARG A 78 -2.41 16.35 10.91
N VAL A 79 -1.95 15.28 10.24
CA VAL A 79 -2.16 15.17 8.78
C VAL A 79 -3.66 15.15 8.52
N GLY A 80 -4.37 14.28 9.20
CA GLY A 80 -5.82 14.20 9.00
C GLY A 80 -6.57 15.52 9.20
N GLU A 81 -6.28 16.23 10.29
N GLU A 81 -6.29 16.23 10.29
CA GLU A 81 -6.94 17.51 10.56
CA GLU A 81 -6.99 17.51 10.54
C GLU A 81 -6.67 18.54 9.46
C GLU A 81 -6.68 18.55 9.45
N PHE A 82 -5.43 18.63 9.04
CA PHE A 82 -5.05 19.60 7.98
C PHE A 82 -5.70 19.23 6.62
N PHE A 83 -5.72 17.93 6.31
CA PHE A 83 -6.27 17.47 5.00
C PHE A 83 -7.78 17.28 4.97
N GLY A 84 -8.42 17.32 6.15
CA GLY A 84 -9.88 17.24 6.26
C GLY A 84 -10.37 15.79 6.33
N THR A 85 -9.51 14.91 6.82
CA THR A 85 -9.84 13.46 6.94
C THR A 85 -10.74 13.28 8.16
N HIS A 86 -11.81 12.52 7.98
CA HIS A 86 -12.76 12.26 9.05
C HIS A 86 -12.08 11.44 10.15
N PRO A 87 -12.32 11.80 11.43
CA PRO A 87 -11.77 10.97 12.49
C PRO A 87 -12.01 9.45 12.34
N LEU A 88 -13.17 9.07 11.81
CA LEU A 88 -13.54 7.66 11.63
C LEU A 88 -12.56 6.98 10.67
N VAL A 89 -12.04 7.78 9.71
CA VAL A 89 -11.08 7.26 8.74
C VAL A 89 -9.73 7.15 9.42
N LEU A 90 -9.39 8.08 10.30
CA LEU A 90 -8.11 7.95 10.99
C LEU A 90 -8.11 6.68 11.90
N GLU A 91 -9.26 6.38 12.49
CA GLU A 91 -9.39 5.15 13.28
C GLU A 91 -9.09 3.92 12.40
N ASP A 92 -9.64 3.91 11.18
CA ASP A 92 -9.45 2.79 10.25
C ASP A 92 -8.00 2.68 9.85
N ILE A 93 -7.37 3.81 9.53
CA ILE A 93 -5.93 3.80 9.18
C ILE A 93 -5.13 3.14 10.32
N LEU A 94 -5.46 3.52 11.54
CA LEU A 94 -4.71 3.02 12.72
C LEU A 94 -5.07 1.60 13.17
N ASN A 95 -6.17 1.06 12.66
CA ASN A 95 -6.62 -0.28 13.09
C ASN A 95 -6.16 -1.32 12.07
N VAL A 96 -5.16 -2.11 12.45
CA VAL A 96 -4.61 -3.13 11.52
C VAL A 96 -5.54 -4.31 11.19
N HIS A 97 -6.72 -4.37 11.81
CA HIS A 97 -7.70 -5.41 11.54
C HIS A 97 -8.76 -5.02 10.51
N GLN A 98 -8.58 -3.85 9.90
CA GLN A 98 -9.51 -3.45 8.86
C GLN A 98 -9.41 -4.43 7.70
N ARG A 99 -10.51 -4.52 6.98
CA ARG A 99 -10.55 -5.33 5.75
C ARG A 99 -10.09 -4.47 4.59
N PRO A 100 -9.55 -5.11 3.55
CA PRO A 100 -9.27 -4.27 2.36
C PRO A 100 -10.61 -3.67 1.83
N LYS A 101 -10.54 -2.42 1.36
CA LYS A 101 -11.74 -1.71 0.90
C LYS A 101 -11.41 -0.46 0.11
N VAL A 102 -12.40 0.04 -0.63
CA VAL A 102 -12.29 1.35 -1.25
C VAL A 102 -13.57 2.03 -0.80
N GLU A 103 -13.46 3.25 -0.27
CA GLU A 103 -14.64 3.93 0.32
C GLU A 103 -14.63 5.39 -0.19
N PHE A 104 -15.79 5.89 -0.60
CA PHE A 104 -15.83 7.19 -1.32
C PHE A 104 -16.45 8.26 -0.46
N PHE A 105 -15.63 9.23 -0.04
CA PHE A 105 -16.09 10.36 0.75
C PHE A 105 -16.38 11.52 -0.19
N GLU A 106 -17.07 12.55 0.28
CA GLU A 106 -17.45 13.65 -0.62
C GLU A 106 -16.24 14.25 -1.32
N ASN A 107 -15.14 14.38 -0.60
CA ASN A 107 -13.99 15.05 -1.14
C ASN A 107 -12.74 14.20 -1.26
N TYR A 108 -12.87 12.89 -1.00
CA TYR A 108 -11.69 12.04 -1.13
C TYR A 108 -12.05 10.59 -1.24
N VAL A 109 -11.09 9.80 -1.69
CA VAL A 109 -11.25 8.34 -1.77
C VAL A 109 -10.29 7.72 -0.69
N PHE A 110 -10.79 6.72 0.03
CA PHE A 110 -9.99 6.08 1.09
C PHE A 110 -9.83 4.60 0.74
N ILE A 111 -8.61 4.10 0.74
CA ILE A 111 -8.37 2.71 0.38
C ILE A 111 -7.52 1.99 1.45
N VAL A 112 -7.94 0.81 1.87
CA VAL A 112 -7.15 -0.02 2.81
C VAL A 112 -6.64 -1.23 2.07
N LEU A 113 -5.34 -1.50 2.20
CA LEU A 113 -4.66 -2.57 1.50
C LEU A 113 -3.83 -3.37 2.50
N LYS A 114 -3.44 -4.57 2.09
CA LYS A 114 -2.47 -5.33 2.89
C LYS A 114 -1.27 -5.64 2.01
N PHE A 116 2.65 -7.74 1.89
CA PHE A 116 3.72 -8.58 2.46
C PHE A 116 5.12 -7.99 2.28
N THR A 117 5.93 -8.17 3.32
CA THR A 117 7.34 -7.78 3.34
C THR A 117 8.10 -9.10 3.29
N TYR A 118 9.02 -9.19 2.34
CA TYR A 118 9.69 -10.44 2.05
C TYR A 118 11.15 -10.45 2.46
N ASP A 119 11.61 -11.62 2.90
CA ASP A 119 13.03 -11.83 3.21
C ASP A 119 13.44 -13.31 3.13
N LYS A 120 13.70 -13.76 1.90
CA LYS A 120 14.17 -15.13 1.62
C LYS A 120 13.33 -16.21 2.32
N HIS A 123 8.51 -18.65 3.92
CA HIS A 123 8.64 -18.62 5.38
C HIS A 123 10.01 -18.09 5.92
N GLU A 124 9.95 -16.97 6.65
CA GLU A 124 8.68 -16.26 6.93
C GLU A 124 8.49 -14.81 6.46
N LEU A 125 7.22 -14.48 6.31
CA LEU A 125 6.74 -13.29 5.66
C LEU A 125 5.81 -12.50 6.57
N GLU A 126 6.16 -11.23 6.76
CA GLU A 126 5.33 -10.33 7.56
C GLU A 126 4.30 -9.66 6.67
N SER A 127 3.20 -9.27 7.28
CA SER A 127 2.08 -8.59 6.65
C SER A 127 1.90 -7.19 7.27
N GLU A 128 1.60 -6.18 6.48
CA GLU A 128 1.41 -4.88 7.08
C GLU A 128 0.27 -4.19 6.37
N GLN A 129 -0.46 -3.35 7.08
CA GLN A 129 -1.58 -2.65 6.44
C GLN A 129 -1.00 -1.41 5.83
N VAL A 130 -1.49 -1.08 4.64
CA VAL A 130 -1.10 0.17 4.01
C VAL A 130 -2.41 0.87 3.61
N SER A 131 -2.59 2.12 4.03
CA SER A 131 -3.79 2.86 3.68
C SER A 131 -3.42 3.93 2.67
N LEU A 132 -4.38 4.28 1.84
CA LEU A 132 -4.17 5.37 0.86
C LEU A 132 -5.34 6.33 0.92
N ILE A 133 -5.04 7.61 0.78
CA ILE A 133 -6.11 8.63 0.57
C ILE A 133 -5.79 9.46 -0.68
N LEU A 134 -6.74 9.51 -1.59
CA LEU A 134 -6.57 10.38 -2.80
C LEU A 134 -7.36 11.60 -2.45
N THR A 135 -6.70 12.73 -2.21
CA THR A 135 -7.45 13.94 -1.87
C THR A 135 -6.85 15.11 -2.67
N LYS A 136 -7.70 15.84 -3.39
CA LYS A 136 -7.21 16.89 -4.32
C LYS A 136 -6.15 16.26 -5.22
N ASN A 137 -4.94 16.79 -5.24
CA ASN A 137 -3.88 16.22 -6.07
C ASN A 137 -2.83 15.46 -5.29
N CYS A 138 -3.20 14.98 -4.12
CA CYS A 138 -2.25 14.28 -3.29
C CYS A 138 -2.68 12.85 -3.10
N VAL A 139 -1.71 11.93 -3.08
CA VAL A 139 -2.00 10.58 -2.58
C VAL A 139 -1.26 10.48 -1.25
N LEU A 140 -2.02 10.41 -0.15
CA LEU A 140 -1.42 10.19 1.16
C LEU A 140 -1.33 8.69 1.35
N PHE A 142 -0.06 5.65 4.14
CA PHE A 142 0.22 5.41 5.57
C PHE A 142 0.72 3.97 5.74
N GLN A 143 1.93 3.81 6.30
CA GLN A 143 2.51 2.50 6.46
C GLN A 143 2.88 2.28 7.94
N GLU A 144 3.10 1.03 8.29
CA GLU A 144 3.49 0.73 9.70
C GLU A 144 5.00 0.78 9.90
N LYS A 145 5.75 0.30 8.91
CA LYS A 145 7.20 0.19 9.09
C LYS A 145 7.92 0.43 7.77
N ILE A 146 9.20 0.80 7.87
CA ILE A 146 10.04 0.96 6.66
C ILE A 146 10.07 -0.32 5.84
N GLY A 147 9.99 -0.19 4.50
CA GLY A 147 10.01 -1.33 3.60
C GLY A 147 8.68 -1.52 2.91
N ASP A 148 8.70 -1.54 1.58
CA ASP A 148 7.45 -1.67 0.82
C ASP A 148 7.71 -2.15 -0.62
N VAL A 149 6.64 -2.34 -1.41
CA VAL A 149 6.78 -2.83 -2.78
C VAL A 149 6.71 -1.73 -3.88
N PHE A 150 6.85 -0.47 -3.48
CA PHE A 150 6.57 0.66 -4.37
C PHE A 150 7.79 1.23 -5.07
N ASP A 151 8.96 0.63 -4.87
CA ASP A 151 10.15 1.20 -5.55
C ASP A 151 9.99 1.33 -7.06
N PRO A 152 9.38 0.33 -7.76
CA PRO A 152 9.22 0.46 -9.22
C PRO A 152 8.52 1.75 -9.60
N VAL A 153 7.56 2.21 -8.79
CA VAL A 153 6.84 3.45 -9.04
C VAL A 153 7.75 4.68 -8.74
N ARG A 154 8.52 4.61 -7.66
CA ARG A 154 9.46 5.69 -7.35
C ARG A 154 10.45 5.90 -8.52
N GLU A 155 10.93 4.81 -9.11
CA GLU A 155 11.90 4.87 -10.21
C GLU A 155 11.28 5.43 -11.48
N ARG A 156 10.04 5.04 -11.79
CA ARG A 156 9.40 5.57 -12.99
C ARG A 156 9.17 7.07 -12.87
N ILE A 157 8.88 7.55 -11.65
CA ILE A 157 8.76 8.96 -11.42
C ILE A 157 10.15 9.62 -11.54
N ARG A 158 11.14 9.08 -10.85
CA ARG A 158 12.50 9.65 -10.85
C ARG A 158 13.09 9.74 -12.22
N TYR A 159 12.92 8.68 -13.01
CA TYR A 159 13.56 8.59 -14.32
C TYR A 159 12.63 8.82 -15.49
N ASN A 160 11.45 9.34 -15.18
CA ASN A 160 10.46 9.72 -16.17
C ASN A 160 10.20 8.59 -17.17
N ARG A 161 9.89 7.40 -16.65
CA ARG A 161 9.59 6.27 -17.50
C ARG A 161 8.06 6.15 -17.65
N GLY A 162 7.60 5.54 -18.75
CA GLY A 162 6.14 5.41 -19.03
C GLY A 162 5.46 6.77 -19.11
N ILE A 163 4.23 6.87 -18.61
CA ILE A 163 3.52 8.16 -18.68
C ILE A 163 3.17 8.73 -17.29
N ILE A 164 3.67 8.12 -16.23
CA ILE A 164 3.27 8.55 -14.87
C ILE A 164 3.46 10.06 -14.61
N ARG A 165 4.59 10.60 -15.06
CA ARG A 165 4.88 12.03 -14.92
C ARG A 165 3.87 12.97 -15.60
N LYS A 166 3.13 12.47 -16.58
CA LYS A 166 2.17 13.30 -17.32
C LYS A 166 0.79 13.24 -16.72
N LYS A 167 0.51 12.18 -15.93
CA LYS A 167 -0.83 11.91 -15.46
C LYS A 167 -1.11 12.50 -14.06
N ARG A 168 -2.39 12.64 -13.76
CA ARG A 168 -2.79 13.26 -12.51
C ARG A 168 -2.69 12.25 -11.34
N ALA A 169 -3.11 12.69 -10.16
CA ALA A 169 -2.92 11.90 -8.93
C ALA A 169 -3.75 10.63 -8.93
N ASP A 170 -4.87 10.58 -9.66
CA ASP A 170 -5.62 9.30 -9.74
C ASP A 170 -4.81 8.20 -10.40
N TYR A 171 -4.06 8.54 -11.45
CA TYR A 171 -3.14 7.58 -12.06
C TYR A 171 -2.01 7.17 -11.09
N LEU A 172 -1.56 8.10 -10.26
CA LEU A 172 -0.54 7.75 -9.24
C LEU A 172 -1.12 6.62 -8.33
N LEU A 173 -2.34 6.88 -7.87
CA LEU A 173 -3.13 5.92 -7.05
C LEU A 173 -3.20 4.56 -7.73
N TYR A 174 -3.67 4.51 -8.99
CA TYR A 174 -3.70 3.25 -9.76
C TYR A 174 -2.34 2.62 -9.88
N SER A 175 -1.30 3.42 -10.14
CA SER A 175 0.04 2.87 -10.30
C SER A 175 0.51 2.19 -8.99
N LEU A 176 0.26 2.85 -7.86
CA LEU A 176 0.68 2.25 -6.58
C LEU A 176 -0.05 0.90 -6.33
N ILE A 177 -1.34 0.88 -6.62
CA ILE A 177 -2.11 -0.36 -6.44
C ILE A 177 -1.59 -1.46 -7.41
N ASP A 178 -1.33 -1.05 -8.65
CA ASP A 178 -0.75 -1.97 -9.65
C ASP A 178 0.58 -2.56 -9.14
N ALA A 179 1.44 -1.74 -8.53
CA ALA A 179 2.72 -2.26 -8.00
C ALA A 179 2.45 -3.37 -6.94
N LEU A 180 1.43 -3.16 -6.11
CA LEU A 180 1.10 -4.14 -5.08
C LEU A 180 0.56 -5.40 -5.69
N VAL A 181 -0.31 -5.26 -6.70
CA VAL A 181 -0.81 -6.43 -7.47
C VAL A 181 0.36 -7.25 -8.06
N ASP A 182 1.30 -6.55 -8.70
N ASP A 182 1.31 -6.55 -8.68
CA ASP A 182 2.48 -7.18 -9.29
CA ASP A 182 2.47 -7.20 -9.27
C ASP A 182 3.26 -7.95 -8.21
C ASP A 182 3.22 -7.98 -8.19
N ASP A 183 3.42 -7.36 -7.02
CA ASP A 183 4.12 -8.04 -5.93
C ASP A 183 3.42 -9.34 -5.52
N TYR A 184 2.09 -9.28 -5.37
CA TYR A 184 1.34 -10.49 -5.04
C TYR A 184 1.49 -11.59 -6.08
N PHE A 185 1.46 -11.23 -7.36
CA PHE A 185 1.59 -12.23 -8.43
C PHE A 185 2.98 -12.85 -8.41
N VAL A 186 4.01 -12.06 -8.16
CA VAL A 186 5.39 -12.56 -8.02
C VAL A 186 5.49 -13.51 -6.82
N LEU A 187 4.87 -13.10 -5.71
CA LEU A 187 4.83 -13.86 -4.49
C LEU A 187 4.17 -15.24 -4.69
N LEU A 188 3.01 -15.27 -5.35
CA LEU A 188 2.31 -16.54 -5.66
C LEU A 188 3.13 -17.48 -6.55
N GLU A 189 3.90 -16.89 -7.45
CA GLU A 189 4.78 -17.60 -8.35
C GLU A 189 5.90 -18.26 -7.55
N LYS A 190 6.47 -17.51 -6.61
CA LYS A 190 7.52 -18.05 -5.75
C LYS A 190 6.99 -19.16 -4.85
N ILE A 191 5.79 -18.97 -4.31
CA ILE A 191 5.13 -20.01 -3.47
C ILE A 191 4.91 -21.29 -4.28
N ASP A 192 4.45 -21.14 -5.52
CA ASP A 192 4.21 -22.29 -6.41
C ASP A 192 5.50 -23.01 -6.80
N ASP A 193 6.59 -22.26 -7.01
CA ASP A 193 7.88 -22.86 -7.34
C ASP A 193 8.46 -23.65 -6.16
N GLU A 194 8.22 -23.17 -4.94
CA GLU A 194 8.63 -23.86 -3.72
C GLU A 194 7.80 -25.10 -3.40
N ILE A 195 6.48 -25.01 -3.59
CA ILE A 195 5.61 -26.17 -3.38
C ILE A 195 6.05 -27.29 -4.34
N ASP A 196 6.29 -26.94 -5.60
CA ASP A 196 6.80 -27.87 -6.61
C ASP A 196 8.10 -28.53 -6.16
N VAL A 197 9.06 -27.71 -5.73
CA VAL A 197 10.34 -28.18 -5.22
C VAL A 197 10.13 -29.23 -4.14
N LEU A 198 9.20 -28.97 -3.23
CA LEU A 198 8.88 -29.90 -2.16
C LEU A 198 8.12 -31.14 -2.66
N GLU A 199 7.08 -30.93 -3.46
CA GLU A 199 6.25 -32.03 -4.01
C GLU A 199 7.05 -33.11 -4.75
N GLU A 200 8.02 -32.70 -5.56
CA GLU A 200 8.82 -33.64 -6.36
C GLU A 200 10.14 -34.06 -5.70
N GLU A 201 10.71 -33.17 -4.88
CA GLU A 201 11.91 -33.47 -4.12
C GLU A 201 11.46 -33.94 -2.71
N VAL A 202 12.05 -33.47 -1.60
CA VAL A 202 13.18 -32.52 -1.56
C VAL A 202 14.43 -33.20 -0.97
N THR A 210 13.10 -38.05 7.51
CA THR A 210 13.35 -36.93 6.58
C THR A 210 12.06 -36.38 5.92
N VAL A 211 11.21 -37.28 5.46
CA VAL A 211 9.98 -36.94 4.72
C VAL A 211 8.89 -36.18 5.51
N GLN A 212 8.69 -36.57 6.77
CA GLN A 212 7.63 -36.00 7.62
C GLN A 212 7.73 -34.48 7.83
N ARG A 213 8.95 -33.94 7.85
CA ARG A 213 9.15 -32.50 8.06
C ARG A 213 8.95 -31.75 6.73
N THR A 214 9.33 -32.39 5.63
CA THR A 214 9.15 -31.84 4.29
C THR A 214 7.67 -31.57 4.00
N HIS A 215 6.80 -32.51 4.38
CA HIS A 215 5.34 -32.35 4.18
C HIS A 215 4.73 -31.18 4.96
N GLN A 216 5.18 -30.98 6.20
CA GLN A 216 4.64 -29.89 7.03
C GLN A 216 5.07 -28.48 6.58
N LEU A 217 6.18 -28.40 5.85
CA LEU A 217 6.59 -27.12 5.26
C LEU A 217 5.60 -26.81 4.14
N LYS A 218 5.28 -27.85 3.37
CA LYS A 218 4.33 -27.73 2.27
C LYS A 218 3.01 -27.17 2.79
N ARG A 219 2.46 -27.79 3.84
CA ARG A 219 1.20 -27.32 4.46
C ARG A 219 1.27 -25.83 4.76
N ASN A 220 2.38 -25.39 5.34
CA ASN A 220 2.61 -23.98 5.67
C ASN A 220 2.44 -23.06 4.43
N LEU A 221 3.06 -23.46 3.33
CA LEU A 221 2.99 -22.76 2.06
C LEU A 221 1.60 -22.82 1.41
N VAL A 222 0.96 -23.99 1.40
CA VAL A 222 -0.37 -24.08 0.77
C VAL A 222 -1.40 -23.23 1.52
N GLU A 223 -1.22 -23.06 2.83
CA GLU A 223 -2.09 -22.20 3.64
C GLU A 223 -1.90 -20.72 3.30
N LEU A 224 -0.63 -20.27 3.25
CA LEU A 224 -0.30 -18.91 2.83
C LEU A 224 -0.86 -18.64 1.43
N ARG A 225 -0.70 -19.61 0.53
CA ARG A 225 -1.23 -19.53 -0.82
C ARG A 225 -2.75 -19.34 -0.82
N LYS A 226 -3.44 -20.03 0.08
CA LYS A 226 -4.90 -19.92 0.22
C LYS A 226 -5.32 -18.53 0.68
N THR A 227 -4.46 -17.88 1.46
CA THR A 227 -4.68 -16.54 1.97
C THR A 227 -4.63 -15.48 0.86
N ILE A 228 -3.61 -15.58 0.02
CA ILE A 228 -3.35 -14.67 -1.11
C ILE A 228 -4.24 -14.94 -2.32
N TRP A 229 -4.53 -16.21 -2.58
CA TRP A 229 -5.31 -16.59 -3.77
C TRP A 229 -6.60 -15.76 -4.06
N PRO A 230 -7.39 -15.39 -3.02
CA PRO A 230 -8.62 -14.62 -3.29
C PRO A 230 -8.37 -13.34 -4.08
N LEU A 231 -7.19 -12.74 -3.90
CA LEU A 231 -6.84 -11.54 -4.67
C LEU A 231 -6.88 -11.87 -6.16
N ARG A 232 -6.25 -12.97 -6.56
N ARG A 232 -6.25 -12.99 -6.54
CA ARG A 232 -6.28 -13.35 -7.97
CA ARG A 232 -6.26 -13.49 -7.93
C ARG A 232 -7.69 -13.69 -8.49
C ARG A 232 -7.68 -13.65 -8.45
N GLU A 233 -8.52 -14.30 -7.64
CA GLU A 233 -9.91 -14.58 -8.00
C GLU A 233 -10.73 -13.30 -8.19
N VAL A 234 -10.57 -12.35 -7.28
CA VAL A 234 -11.26 -11.07 -7.43
C VAL A 234 -10.80 -10.37 -8.72
N LEU A 235 -9.49 -10.28 -8.91
CA LEU A 235 -8.98 -9.59 -10.10
C LEU A 235 -9.39 -10.30 -11.39
N SER A 236 -9.32 -11.63 -11.41
CA SER A 236 -9.66 -12.33 -12.64
C SER A 236 -11.15 -12.19 -12.95
N SER A 237 -11.99 -12.25 -11.91
CA SER A 237 -13.43 -12.05 -12.07
C SER A 237 -13.68 -10.69 -12.72
N LEU A 238 -13.08 -9.63 -12.17
CA LEU A 238 -13.32 -8.26 -12.74
C LEU A 238 -12.85 -8.18 -14.19
N TYR A 239 -11.67 -8.73 -14.42
CA TYR A 239 -11.04 -8.73 -15.75
C TYR A 239 -11.87 -9.45 -16.80
N ARG A 240 -12.49 -10.57 -16.40
CA ARG A 240 -13.25 -11.39 -17.35
C ARG A 240 -14.64 -10.82 -17.60
N ASP A 241 -15.32 -10.41 -16.53
CA ASP A 241 -16.73 -10.07 -16.64
C ASP A 241 -17.09 -8.59 -16.89
N VAL A 242 -16.26 -7.67 -16.42
CA VAL A 242 -16.63 -6.26 -16.56
C VAL A 242 -16.58 -5.73 -18.00
N PRO A 243 -15.43 -5.91 -18.70
CA PRO A 243 -15.26 -5.32 -20.04
C PRO A 243 -16.44 -5.50 -20.99
N PRO A 244 -16.93 -6.74 -21.16
CA PRO A 244 -18.08 -6.91 -22.04
C PRO A 244 -19.36 -6.23 -21.58
N LEU A 245 -19.56 -6.12 -20.26
CA LEU A 245 -20.72 -5.42 -19.70
C LEU A 245 -20.62 -3.93 -20.10
N ILE A 246 -19.40 -3.40 -20.06
CA ILE A 246 -19.07 -2.02 -20.48
C ILE A 246 -19.33 -1.74 -21.97
N GLU A 247 -19.54 -2.80 -22.77
CA GLU A 247 -19.75 -2.67 -24.23
C GLU A 247 -21.23 -2.80 -24.63
#